data_1U8J
#
_entry.id   1U8J
#
_cell.length_a   58.000
_cell.length_b   65.000
_cell.length_c   175.900
_cell.angle_alpha   90.00
_cell.angle_beta   90.00
_cell.angle_gamma   90.00
#
_symmetry.space_group_name_H-M   'P 21 21 21'
#
loop_
_entity.id
_entity.type
_entity.pdbx_description
1 polymer 'ANTIBODY 2F5 (LIGHT CHAIN)'
2 polymer 'ANTIBODY 2F5 (HEAVY CHAIN)'
3 polymer 'GP41 PEPTIDE'
4 water water
#
loop_
_entity_poly.entity_id
_entity_poly.type
_entity_poly.pdbx_seq_one_letter_code
_entity_poly.pdbx_strand_id
1 'polypeptide(L)'
;ALQLTQSPSSLSASVGDRITITCRASQGVTSALAWYRQKPGSPPQLLIYDASSLESGVPSRFSGSGSGTEFTLTISTLRP
EDFATYYCQQLHFYPHTFGGGTRVDVRRTVAAPSVFIFPPSDEQLKSGTASVVCLLNNFYPREAKVQWKVDNALQSGNSQ
ESVTEQDSKDSTYSLSSTLTLSKADYEKHKVYECEVTHQGLSSPVTKSFNRGEC
;
A
2 'polypeptide(L)'
;RITLKESGPPLVKPTQTLTLTCSFSGFSLSDFGVGVGWIRQPPGKALEWLAIIYSDDDKRYSPSLNTRLTITKDTSKNQV
VLVMTRVSPVDTATYFCAHRRGPTTLFGVPIARGPVNAMDVWGQGITVTISSTSTKGPSVFPLAPSSKSTAGAAAALGCL
VKDYFPEPVTVSWNSGALTSGVHTFPAVLQSSGLYSLSSVVTVPSSSLGTQTYTCNVNHKPSNTKVDKRVEPKSC
;
B
3 'polypeptide(L)' ELDKWAG C
#
# COMPACT_ATOMS: atom_id res chain seq x y z
N ALA A 1 12.44 5.97 -19.17
CA ALA A 1 11.34 6.88 -19.61
C ALA A 1 11.18 8.17 -18.78
N LEU A 2 10.10 8.88 -19.09
CA LEU A 2 9.71 10.13 -18.45
C LEU A 2 9.53 9.92 -16.95
N GLN A 3 10.04 10.84 -16.17
CA GLN A 3 9.96 10.75 -14.74
C GLN A 3 9.03 11.84 -14.18
N LEU A 4 8.18 11.47 -13.22
CA LEU A 4 7.27 12.41 -12.54
C LEU A 4 7.59 12.33 -11.07
N THR A 5 8.12 13.41 -10.52
CA THR A 5 8.49 13.43 -9.12
C THR A 5 7.55 14.26 -8.28
N GLN A 6 6.87 13.70 -7.28
CA GLN A 6 5.96 14.52 -6.43
C GLN A 6 6.67 15.06 -5.23
N SER A 7 6.29 16.23 -4.73
CA SER A 7 6.88 16.74 -3.50
C SER A 7 5.78 17.41 -2.71
N PRO A 8 5.75 17.21 -1.38
CA PRO A 8 6.72 16.35 -0.68
C PRO A 8 6.13 14.97 -0.80
N SER A 9 6.90 13.94 -0.44
CA SER A 9 6.34 12.62 -0.50
C SER A 9 5.29 12.45 0.62
N SER A 10 5.48 13.12 1.74
CA SER A 10 4.57 13.02 2.87
C SER A 10 4.37 14.43 3.44
N LEU A 11 3.22 14.72 4.01
CA LEU A 11 2.97 16.07 4.47
C LEU A 11 1.99 16.03 5.59
N SER A 12 2.25 16.77 6.67
CA SER A 12 1.28 16.77 7.80
C SER A 12 0.49 18.09 7.79
N ALA A 13 -0.76 18.05 8.21
CA ALA A 13 -1.57 19.24 8.17
C ALA A 13 -2.77 19.11 9.07
N SER A 14 -3.50 20.21 9.26
CA SER A 14 -4.68 20.15 10.09
C SER A 14 -5.86 20.66 9.30
N VAL A 15 -7.06 20.32 9.73
CA VAL A 15 -8.29 20.76 9.10
C VAL A 15 -8.24 22.30 9.03
N GLY A 16 -8.57 22.85 7.88
CA GLY A 16 -8.52 24.28 7.69
C GLY A 16 -7.21 24.71 7.06
N ASP A 17 -6.17 23.89 7.03
CA ASP A 17 -4.97 24.41 6.39
C ASP A 17 -5.06 24.51 4.85
N ARG A 18 -4.09 25.22 4.27
CA ARG A 18 -3.98 25.35 2.85
C ARG A 18 -2.76 24.53 2.54
N ILE A 19 -2.85 23.56 1.65
CA ILE A 19 -1.66 22.80 1.32
C ILE A 19 -1.43 22.82 -0.17
N THR A 20 -0.20 22.60 -0.58
CA THR A 20 0.00 22.58 -1.99
C THR A 20 1.00 21.47 -2.18
N ILE A 21 0.71 20.64 -3.19
CA ILE A 21 1.51 19.48 -3.55
C ILE A 21 2.06 19.81 -4.92
N THR A 22 3.30 19.46 -5.18
CA THR A 22 3.81 19.77 -6.51
C THR A 22 4.31 18.54 -7.27
N CYS A 23 4.30 18.59 -8.59
CA CYS A 23 4.71 17.44 -9.40
C CYS A 23 5.56 17.98 -10.54
N ARG A 24 6.74 17.44 -10.71
CA ARG A 24 7.68 17.89 -11.73
C ARG A 24 7.99 16.78 -12.70
N ALA A 25 7.97 17.10 -13.99
CA ALA A 25 8.23 16.10 -15.00
C ALA A 25 9.62 16.26 -15.60
N SER A 26 10.27 15.15 -15.97
CA SER A 26 11.61 15.21 -16.54
C SER A 26 11.71 15.85 -17.92
N GLN A 27 10.61 15.84 -18.67
CA GLN A 27 10.49 16.44 -20.02
C GLN A 27 9.09 17.10 -19.99
N GLY A 28 8.88 18.11 -20.82
CA GLY A 28 7.59 18.80 -20.82
C GLY A 28 6.43 17.93 -21.25
N VAL A 29 5.31 18.01 -20.53
CA VAL A 29 4.12 17.23 -20.83
C VAL A 29 2.96 18.16 -21.20
N THR A 30 3.28 19.39 -21.62
CA THR A 30 2.28 20.38 -21.99
C THR A 30 1.27 20.49 -20.86
N SER A 31 -0.04 20.46 -21.13
CA SER A 31 -1.02 20.54 -20.05
C SER A 31 -1.66 19.18 -19.73
N ALA A 32 -1.10 18.10 -20.28
CA ALA A 32 -1.69 16.77 -20.12
C ALA A 32 -1.32 16.13 -18.77
N LEU A 33 -1.95 16.63 -17.72
CA LEU A 33 -1.64 16.18 -16.40
C LEU A 33 -2.87 16.15 -15.56
N ALA A 34 -3.03 15.12 -14.77
CA ALA A 34 -4.22 15.01 -13.96
C ALA A 34 -3.87 14.78 -12.49
N TRP A 35 -4.72 15.26 -11.57
CA TRP A 35 -4.51 15.01 -10.15
C TRP A 35 -5.61 14.16 -9.61
N TYR A 36 -5.26 13.27 -8.68
CA TYR A 36 -6.24 12.37 -8.05
C TYR A 36 -6.03 12.33 -6.55
N ARG A 37 -7.11 12.02 -5.85
CA ARG A 37 -7.06 11.86 -4.41
C ARG A 37 -7.49 10.42 -4.18
N GLN A 38 -6.77 9.69 -3.35
CA GLN A 38 -7.17 8.31 -3.07
C GLN A 38 -7.22 8.09 -1.58
N LYS A 39 -8.39 7.73 -1.12
CA LYS A 39 -8.58 7.47 0.29
C LYS A 39 -8.30 6.00 0.53
N PRO A 40 -7.85 5.65 1.74
CA PRO A 40 -7.56 4.24 2.01
C PRO A 40 -8.74 3.33 1.61
N GLY A 41 -8.40 2.18 1.04
CA GLY A 41 -9.41 1.21 0.61
C GLY A 41 -10.28 1.57 -0.59
N SER A 42 -10.06 2.75 -1.20
CA SER A 42 -10.86 3.15 -2.34
C SER A 42 -10.02 3.40 -3.58
N PRO A 43 -10.67 3.49 -4.76
CA PRO A 43 -9.93 3.76 -5.99
C PRO A 43 -9.55 5.26 -6.04
N PRO A 44 -8.58 5.62 -6.87
CA PRO A 44 -8.23 7.04 -6.94
C PRO A 44 -9.46 7.81 -7.49
N GLN A 45 -9.63 9.09 -7.12
CA GLN A 45 -10.75 9.86 -7.65
C GLN A 45 -10.16 11.08 -8.34
N LEU A 46 -10.62 11.33 -9.55
CA LEU A 46 -10.18 12.47 -10.38
C LEU A 46 -10.58 13.80 -9.72
N LEU A 47 -9.62 14.70 -9.55
CA LEU A 47 -9.90 16.04 -8.99
C LEU A 47 -9.77 17.08 -10.09
N ILE A 48 -8.63 17.06 -10.79
CA ILE A 48 -8.26 18.05 -11.81
C ILE A 48 -7.75 17.35 -13.04
N TYR A 49 -8.26 17.73 -14.20
CA TYR A 49 -7.83 17.18 -15.49
C TYR A 49 -7.23 18.29 -16.35
N ASP A 50 -6.35 17.92 -17.28
CA ASP A 50 -5.77 18.92 -18.18
C ASP A 50 -5.10 20.04 -17.35
N ALA A 51 -4.31 19.66 -16.34
CA ALA A 51 -3.55 20.58 -15.44
C ALA A 51 -4.32 21.55 -14.57
N SER A 52 -5.42 22.10 -15.07
CA SER A 52 -6.12 23.04 -14.24
C SER A 52 -7.63 22.99 -14.28
N SER A 53 -8.24 22.14 -15.10
CA SER A 53 -9.71 22.13 -15.17
C SER A 53 -10.31 21.38 -13.97
N LEU A 54 -11.35 21.95 -13.34
CA LEU A 54 -11.94 21.32 -12.20
C LEU A 54 -12.89 20.26 -12.66
N GLU A 55 -12.70 19.02 -12.22
CA GLU A 55 -13.59 17.95 -12.63
C GLU A 55 -14.96 18.18 -12.03
N SER A 56 -15.98 17.83 -12.81
CA SER A 56 -17.36 18.02 -12.41
C SER A 56 -17.72 17.27 -11.12
N GLY A 57 -18.28 18.01 -10.15
CA GLY A 57 -18.68 17.39 -8.91
C GLY A 57 -17.57 17.43 -7.88
N VAL A 58 -16.41 17.96 -8.27
CA VAL A 58 -15.31 18.05 -7.34
C VAL A 58 -15.39 19.41 -6.63
N PRO A 59 -15.25 19.42 -5.30
CA PRO A 59 -15.34 20.69 -4.55
C PRO A 59 -14.33 21.75 -4.95
N SER A 60 -14.81 23.00 -4.93
CA SER A 60 -14.00 24.12 -5.37
C SER A 60 -12.75 24.41 -4.56
N ARG A 61 -12.60 23.87 -3.35
CA ARG A 61 -11.34 24.12 -2.63
C ARG A 61 -10.14 23.50 -3.35
N PHE A 62 -10.39 22.65 -4.34
CA PHE A 62 -9.27 22.03 -5.04
C PHE A 62 -8.92 22.84 -6.24
N SER A 63 -7.64 23.07 -6.43
CA SER A 63 -7.22 23.85 -7.56
C SER A 63 -5.93 23.33 -8.16
N GLY A 64 -5.83 23.37 -9.48
CA GLY A 64 -4.60 22.96 -10.09
C GLY A 64 -4.05 24.00 -11.06
N SER A 65 -2.73 24.22 -11.07
CA SER A 65 -2.10 25.14 -11.99
C SER A 65 -0.75 24.58 -12.52
N GLY A 66 -0.18 25.27 -13.51
CA GLY A 66 1.08 24.88 -14.10
C GLY A 66 0.92 24.20 -15.46
N SER A 67 2.03 24.08 -16.19
CA SER A 67 2.10 23.43 -17.51
C SER A 67 3.59 23.13 -17.81
N GLY A 68 3.91 22.32 -18.83
CA GLY A 68 5.32 22.03 -19.09
C GLY A 68 5.93 21.00 -18.17
N THR A 69 6.76 21.43 -17.21
CA THR A 69 7.40 20.51 -16.30
C THR A 69 7.06 20.69 -14.84
N GLU A 70 6.28 21.70 -14.52
CA GLU A 70 5.99 21.92 -13.10
C GLU A 70 4.52 22.18 -12.83
N PHE A 71 3.90 21.38 -11.97
CA PHE A 71 2.50 21.50 -11.67
C PHE A 71 2.29 21.48 -10.16
N THR A 72 1.19 22.09 -9.75
CA THR A 72 0.83 22.17 -8.36
C THR A 72 -0.67 21.99 -8.16
N LEU A 73 -1.02 21.33 -7.07
CA LEU A 73 -2.39 21.09 -6.66
C LEU A 73 -2.49 21.82 -5.32
N THR A 74 -3.48 22.66 -5.13
CA THR A 74 -3.56 23.22 -3.83
C THR A 74 -4.95 22.99 -3.34
N ILE A 75 -5.06 22.69 -2.06
CA ILE A 75 -6.35 22.49 -1.47
C ILE A 75 -6.35 23.73 -0.57
N SER A 76 -7.33 24.61 -0.76
CA SER A 76 -7.29 25.86 -0.01
C SER A 76 -7.69 25.74 1.46
N THR A 77 -8.72 24.95 1.76
CA THR A 77 -9.16 24.73 3.14
C THR A 77 -9.33 23.22 3.36
N LEU A 78 -8.28 22.56 3.86
CA LEU A 78 -8.33 21.11 4.10
C LEU A 78 -9.50 20.63 4.93
N ARG A 79 -10.25 19.64 4.42
CA ARG A 79 -11.38 19.06 5.14
C ARG A 79 -10.95 17.65 5.61
N PRO A 80 -11.65 17.03 6.60
CA PRO A 80 -11.25 15.71 7.08
C PRO A 80 -11.10 14.63 6.00
N GLU A 81 -11.96 14.65 4.99
CA GLU A 81 -11.85 13.68 3.91
C GLU A 81 -10.61 13.86 3.04
N ASP A 82 -9.83 14.93 3.25
CA ASP A 82 -8.66 15.18 2.44
C ASP A 82 -7.39 14.53 2.97
N PHE A 83 -7.50 13.87 4.12
CA PHE A 83 -6.35 13.21 4.72
C PHE A 83 -6.33 11.98 3.83
N ALA A 84 -5.32 11.90 3.00
CA ALA A 84 -5.32 10.83 2.03
C ALA A 84 -4.03 10.93 1.27
N THR A 85 -3.94 10.13 0.21
CA THR A 85 -2.73 10.15 -0.66
C THR A 85 -3.13 10.74 -2.03
N TYR A 86 -2.34 11.66 -2.52
CA TYR A 86 -2.60 12.32 -3.79
C TYR A 86 -1.62 11.88 -4.84
N TYR A 87 -2.09 11.72 -6.08
CA TYR A 87 -1.20 11.36 -7.17
C TYR A 87 -1.34 12.24 -8.37
N CYS A 88 -0.25 12.50 -9.09
CA CYS A 88 -0.39 13.24 -10.36
C CYS A 88 -0.14 12.19 -11.45
N GLN A 89 -0.67 12.39 -12.64
CA GLN A 89 -0.50 11.49 -13.81
C GLN A 89 -0.30 12.32 -15.09
N GLN A 90 0.69 11.92 -15.84
CA GLN A 90 1.06 12.56 -17.07
C GLN A 90 0.38 11.72 -18.19
N LEU A 91 -0.22 12.38 -19.20
CA LEU A 91 -0.84 11.69 -20.33
C LEU A 91 -0.39 12.21 -21.73
N HIS A 92 0.77 12.82 -21.77
CA HIS A 92 1.35 13.36 -23.00
C HIS A 92 2.18 12.32 -23.76
N PHE A 93 2.89 11.47 -23.00
CA PHE A 93 3.76 10.43 -23.55
C PHE A 93 3.39 9.06 -23.01
N TYR A 94 3.55 8.01 -23.82
CA TYR A 94 3.30 6.66 -23.37
C TYR A 94 4.65 6.19 -22.84
N PRO A 95 4.66 5.49 -21.72
CA PRO A 95 3.48 5.13 -20.93
C PRO A 95 3.03 6.35 -20.13
N HIS A 96 1.73 6.38 -19.82
CA HIS A 96 1.06 7.43 -19.05
C HIS A 96 1.38 7.42 -17.54
N THR A 97 2.61 7.73 -17.19
CA THR A 97 3.11 7.76 -15.80
C THR A 97 2.37 8.42 -14.65
N PHE A 98 2.55 7.83 -13.49
CA PHE A 98 2.00 8.36 -12.26
C PHE A 98 3.16 8.80 -11.40
N GLY A 99 2.93 9.83 -10.58
CA GLY A 99 3.96 10.23 -9.64
C GLY A 99 3.98 9.25 -8.44
N GLY A 100 4.93 9.41 -7.53
CA GLY A 100 5.08 8.49 -6.40
C GLY A 100 4.04 8.67 -5.34
N GLY A 101 3.26 9.73 -5.45
CA GLY A 101 2.24 9.95 -4.43
C GLY A 101 2.68 10.84 -3.24
N THR A 102 1.75 11.57 -2.65
CA THR A 102 2.10 12.30 -1.46
C THR A 102 1.00 12.04 -0.46
N ARG A 103 1.39 11.54 0.70
CA ARG A 103 0.50 11.18 1.81
C ARG A 103 0.22 12.42 2.65
N VAL A 104 -1.04 12.72 2.92
CA VAL A 104 -1.33 13.89 3.72
C VAL A 104 -1.97 13.31 4.97
N ASP A 105 -1.36 13.55 6.14
CA ASP A 105 -1.90 12.99 7.38
C ASP A 105 -2.10 14.07 8.49
N VAL A 106 -2.81 13.72 9.55
CA VAL A 106 -3.15 14.62 10.64
C VAL A 106 -1.88 15.06 11.39
N ARG A 107 -1.59 16.35 11.44
CA ARG A 107 -0.39 16.80 12.15
C ARG A 107 -0.62 16.70 13.66
N ARG A 108 0.43 16.43 14.41
CA ARG A 108 0.37 16.36 15.88
C ARG A 108 1.81 16.57 16.26
N THR A 109 2.13 16.74 17.52
CA THR A 109 3.48 17.00 18.03
C THR A 109 4.38 15.78 17.81
N VAL A 110 5.59 16.06 17.59
CA VAL A 110 6.54 15.00 17.39
C VAL A 110 6.54 14.08 18.61
N ALA A 111 6.54 12.77 18.35
CA ALA A 111 6.59 11.79 19.41
C ALA A 111 7.52 10.67 18.99
N ALA A 112 8.53 10.42 19.82
CA ALA A 112 9.51 9.37 19.55
C ALA A 112 8.86 8.03 19.82
N PRO A 113 9.33 6.99 19.15
CA PRO A 113 8.71 5.66 19.38
C PRO A 113 9.19 5.02 20.66
N SER A 114 8.37 4.19 21.26
CA SER A 114 8.79 3.41 22.44
C SER A 114 9.24 2.15 21.68
N VAL A 115 10.48 1.73 21.88
CA VAL A 115 11.01 0.59 21.16
C VAL A 115 11.14 -0.63 22.06
N PHE A 116 10.81 -1.81 21.52
CA PHE A 116 10.88 -3.08 22.21
C PHE A 116 11.42 -4.16 21.26
N ILE A 117 12.24 -5.08 21.78
CA ILE A 117 12.79 -6.15 20.98
C ILE A 117 12.37 -7.47 21.59
N PHE A 118 11.88 -8.38 20.76
CA PHE A 118 11.39 -9.64 21.22
C PHE A 118 12.21 -10.76 20.64
N PRO A 119 12.74 -11.66 21.50
CA PRO A 119 13.55 -12.78 20.98
C PRO A 119 12.61 -13.85 20.48
N PRO A 120 13.12 -14.78 19.69
CA PRO A 120 12.18 -15.81 19.22
C PRO A 120 11.77 -16.76 20.35
N SER A 121 10.53 -17.24 20.29
CA SER A 121 10.05 -18.18 21.29
C SER A 121 10.74 -19.55 21.12
N ASP A 122 10.92 -20.24 22.24
CA ASP A 122 11.49 -21.57 22.24
C ASP A 122 10.60 -22.45 21.42
N GLU A 123 9.31 -22.14 21.39
CA GLU A 123 8.39 -22.96 20.62
C GLU A 123 8.71 -22.83 19.11
N GLN A 124 8.98 -21.60 18.66
CA GLN A 124 9.32 -21.44 17.23
C GLN A 124 10.65 -22.14 16.95
N LEU A 125 11.65 -21.86 17.78
CA LEU A 125 12.97 -22.48 17.60
C LEU A 125 12.91 -24.02 17.36
N LYS A 126 12.03 -24.73 18.08
CA LYS A 126 11.88 -26.18 17.90
C LYS A 126 11.43 -26.53 16.50
N SER A 127 10.83 -25.58 15.79
CA SER A 127 10.39 -25.86 14.43
C SER A 127 11.50 -25.53 13.45
N GLY A 128 12.61 -25.03 13.97
CA GLY A 128 13.74 -24.72 13.10
C GLY A 128 13.87 -23.28 12.57
N THR A 129 12.94 -22.40 12.90
CA THR A 129 13.07 -21.03 12.44
C THR A 129 13.15 -20.06 13.61
N ALA A 130 13.73 -18.90 13.39
CA ALA A 130 13.87 -17.92 14.42
C ALA A 130 13.43 -16.56 13.94
N SER A 131 12.38 -16.02 14.57
CA SER A 131 11.90 -14.68 14.24
C SER A 131 12.22 -13.68 15.33
N VAL A 132 12.92 -12.62 14.98
CA VAL A 132 13.21 -11.62 15.98
C VAL A 132 12.35 -10.45 15.57
N VAL A 133 11.48 -9.97 16.48
CA VAL A 133 10.65 -8.84 16.15
C VAL A 133 10.98 -7.60 16.94
N CYS A 134 10.88 -6.46 16.26
CA CYS A 134 11.16 -5.19 16.86
C CYS A 134 9.91 -4.37 16.73
N LEU A 135 9.51 -3.73 17.82
CA LEU A 135 8.34 -2.88 17.77
C LEU A 135 8.67 -1.43 18.05
N LEU A 136 8.14 -0.53 17.23
CA LEU A 136 8.26 0.92 17.39
C LEU A 136 6.82 1.32 17.62
N ASN A 137 6.51 1.70 18.85
CA ASN A 137 5.14 2.02 19.23
C ASN A 137 4.77 3.51 19.35
N ASN A 138 3.61 3.89 18.80
CA ASN A 138 3.11 5.27 18.86
C ASN A 138 4.11 6.43 18.60
N PHE A 139 4.60 6.55 17.36
CA PHE A 139 5.54 7.64 17.06
C PHE A 139 4.94 8.59 16.01
N TYR A 140 5.61 9.71 15.76
CA TYR A 140 5.16 10.70 14.76
C TYR A 140 6.32 11.68 14.57
N PRO A 141 6.61 12.07 13.32
CA PRO A 141 5.97 11.65 12.08
C PRO A 141 6.21 10.20 11.65
N ARG A 142 5.53 9.78 10.57
CA ARG A 142 5.61 8.44 10.09
C ARG A 142 6.98 7.86 9.72
N GLU A 143 7.87 8.67 9.17
CA GLU A 143 9.13 8.13 8.77
C GLU A 143 10.00 7.64 9.95
N ALA A 144 10.49 6.41 9.84
CA ALA A 144 11.30 5.82 10.88
C ALA A 144 12.19 4.86 10.14
N LYS A 145 13.37 4.58 10.69
CA LYS A 145 14.29 3.66 10.06
C LYS A 145 14.78 2.65 11.11
N VAL A 146 14.64 1.38 10.75
CA VAL A 146 15.00 0.27 11.58
C VAL A 146 16.15 -0.44 10.93
N GLN A 147 17.20 -0.67 11.71
CA GLN A 147 18.37 -1.38 11.22
C GLN A 147 18.72 -2.57 12.14
N TRP A 148 18.68 -3.79 11.62
CA TRP A 148 19.02 -4.94 12.42
C TRP A 148 20.52 -5.17 12.40
N LYS A 149 21.05 -5.53 13.57
CA LYS A 149 22.46 -5.85 13.69
C LYS A 149 22.56 -7.15 14.52
N VAL A 150 23.39 -8.07 14.07
CA VAL A 150 23.62 -9.34 14.72
C VAL A 150 25.15 -9.38 14.98
N ASP A 151 25.57 -9.49 16.24
CA ASP A 151 27.01 -9.48 16.54
C ASP A 151 27.68 -8.37 15.69
N ASN A 152 27.04 -7.21 15.67
CA ASN A 152 27.51 -6.05 14.95
C ASN A 152 27.49 -6.07 13.45
N ALA A 153 27.02 -7.16 12.85
CA ALA A 153 26.95 -7.19 11.40
C ALA A 153 25.62 -6.56 11.03
N LEU A 154 25.68 -5.68 10.04
CA LEU A 154 24.51 -4.99 9.54
C LEU A 154 23.65 -6.01 8.78
N GLN A 155 22.38 -6.15 9.09
CA GLN A 155 21.58 -7.14 8.38
C GLN A 155 20.90 -6.56 7.13
N SER A 156 20.72 -7.39 6.11
CA SER A 156 20.06 -6.88 4.94
C SER A 156 19.37 -8.00 4.17
N GLY A 157 18.17 -7.73 3.68
CA GLY A 157 17.46 -8.70 2.89
C GLY A 157 16.77 -9.80 3.68
N ASN A 158 16.86 -9.75 5.00
CA ASN A 158 16.23 -10.82 5.81
C ASN A 158 15.19 -10.32 6.86
N SER A 159 14.63 -9.14 6.60
CA SER A 159 13.63 -8.58 7.49
C SER A 159 12.49 -7.99 6.69
N GLN A 160 11.34 -7.85 7.34
CA GLN A 160 10.18 -7.26 6.70
C GLN A 160 9.47 -6.45 7.73
N GLU A 161 8.87 -5.33 7.31
CA GLU A 161 8.17 -4.48 8.24
C GLU A 161 6.82 -4.03 7.68
N SER A 162 5.91 -3.69 8.58
CA SER A 162 4.63 -3.13 8.21
C SER A 162 4.30 -2.02 9.23
N VAL A 163 3.49 -1.04 8.80
CA VAL A 163 3.15 0.12 9.61
C VAL A 163 1.62 0.21 9.74
N THR A 164 1.10 0.54 10.92
CA THR A 164 -0.33 0.69 11.05
C THR A 164 -0.80 1.99 10.37
N GLU A 165 -2.09 2.14 10.16
CA GLU A 165 -2.61 3.38 9.61
C GLU A 165 -2.61 4.39 10.79
N GLN A 166 -2.58 5.69 10.49
CA GLN A 166 -2.54 6.73 11.53
C GLN A 166 -3.64 6.47 12.53
N ASP A 167 -3.33 6.51 13.82
CA ASP A 167 -4.36 6.23 14.83
C ASP A 167 -5.39 7.37 14.87
N SER A 168 -6.69 7.08 14.85
CA SER A 168 -7.71 8.13 14.87
C SER A 168 -7.80 8.98 16.15
N LYS A 169 -7.22 8.51 17.26
CA LYS A 169 -7.24 9.26 18.52
C LYS A 169 -5.86 9.92 18.81
N ASP A 170 -4.82 9.14 18.64
CA ASP A 170 -3.40 9.50 18.85
C ASP A 170 -2.76 10.34 17.78
N SER A 171 -3.10 9.98 16.54
CA SER A 171 -2.47 10.56 15.33
C SER A 171 -1.07 10.02 15.20
N THR A 172 -0.74 8.95 15.93
CA THR A 172 0.61 8.37 15.87
C THR A 172 0.59 7.10 14.98
N TYR A 173 1.76 6.56 14.66
CA TYR A 173 1.87 5.33 13.89
C TYR A 173 2.65 4.34 14.73
N SER A 174 2.56 3.07 14.38
CA SER A 174 3.35 2.04 15.05
C SER A 174 3.97 1.18 13.92
N LEU A 175 5.12 0.61 14.19
CA LEU A 175 5.79 -0.18 13.17
C LEU A 175 6.37 -1.49 13.76
N SER A 176 6.13 -2.57 13.03
CA SER A 176 6.61 -3.87 13.42
C SER A 176 7.62 -4.34 12.42
N SER A 177 8.82 -4.73 12.87
CA SER A 177 9.80 -5.30 11.94
C SER A 177 10.25 -6.70 12.39
N THR A 178 10.16 -7.68 11.49
CA THR A 178 10.56 -9.05 11.77
C THR A 178 11.88 -9.45 11.07
N LEU A 179 12.90 -9.85 11.87
CA LEU A 179 14.16 -10.39 11.34
C LEU A 179 13.97 -11.94 11.37
N THR A 180 14.18 -12.61 10.23
CA THR A 180 14.00 -14.04 10.17
C THR A 180 15.29 -14.81 9.82
N LEU A 181 15.64 -15.82 10.62
CA LEU A 181 16.85 -16.57 10.36
C LEU A 181 16.56 -18.03 10.64
N SER A 182 17.34 -18.93 10.06
CA SER A 182 17.17 -20.32 10.41
C SER A 182 17.59 -20.50 11.90
N LYS A 183 17.09 -21.54 12.53
CA LYS A 183 17.47 -21.80 13.90
C LYS A 183 18.98 -21.92 13.92
N ALA A 184 19.55 -22.63 12.95
CA ALA A 184 21.00 -22.79 12.92
C ALA A 184 21.76 -21.48 12.94
N ASP A 185 21.48 -20.57 12.00
CA ASP A 185 22.17 -19.27 11.96
C ASP A 185 21.92 -18.55 13.25
N TYR A 186 20.69 -18.62 13.73
CA TYR A 186 20.36 -17.94 14.96
C TYR A 186 21.35 -18.32 16.03
N GLU A 187 21.57 -19.62 16.16
CA GLU A 187 22.44 -20.17 17.20
C GLU A 187 23.89 -19.79 17.05
N LYS A 188 24.29 -19.35 15.87
CA LYS A 188 25.68 -18.99 15.68
C LYS A 188 26.04 -17.58 16.10
N HIS A 189 25.13 -16.87 16.77
CA HIS A 189 25.44 -15.48 17.14
C HIS A 189 24.89 -15.15 18.50
N LYS A 190 25.31 -14.02 19.09
CA LYS A 190 24.78 -13.70 20.42
C LYS A 190 24.02 -12.40 20.56
N VAL A 191 24.56 -11.29 20.05
CA VAL A 191 23.90 -10.00 20.21
C VAL A 191 22.95 -9.64 19.07
N TYR A 192 21.65 -9.65 19.33
CA TYR A 192 20.61 -9.31 18.38
C TYR A 192 20.16 -7.92 18.73
N GLU A 193 20.33 -6.98 17.80
CA GLU A 193 20.00 -5.58 18.05
C GLU A 193 19.10 -4.95 17.01
N CYS A 194 18.18 -4.10 17.47
CA CYS A 194 17.26 -3.36 16.63
C CYS A 194 17.63 -1.86 16.84
N GLU A 195 18.22 -1.24 15.83
CA GLU A 195 18.61 0.16 15.90
C GLU A 195 17.53 1.04 15.27
N VAL A 196 17.09 2.08 15.98
CA VAL A 196 16.00 2.90 15.46
C VAL A 196 16.31 4.36 15.31
N THR A 197 16.07 4.93 14.12
CA THR A 197 16.31 6.34 13.88
C THR A 197 14.95 6.98 13.64
N HIS A 198 14.75 8.13 14.27
CA HIS A 198 13.49 8.84 14.13
C HIS A 198 13.67 10.28 14.53
N GLN A 199 12.86 11.14 13.96
CA GLN A 199 12.98 12.54 14.24
C GLN A 199 12.87 12.90 15.71
N GLY A 200 12.03 12.20 16.46
CA GLY A 200 11.89 12.50 17.87
C GLY A 200 13.00 11.98 18.77
N LEU A 201 14.00 11.32 18.20
CA LEU A 201 15.05 10.77 19.03
C LEU A 201 16.29 11.57 18.76
N SER A 202 16.84 12.14 19.83
CA SER A 202 18.07 12.93 19.75
C SER A 202 19.13 12.16 18.93
N SER A 203 19.32 10.88 19.22
CA SER A 203 20.25 10.08 18.44
C SER A 203 19.58 8.72 18.42
N PRO A 204 20.05 7.80 17.58
CA PRO A 204 19.50 6.45 17.44
C PRO A 204 19.43 5.67 18.73
N VAL A 205 18.34 4.94 18.92
CA VAL A 205 18.22 4.17 20.11
C VAL A 205 18.39 2.71 19.71
N THR A 206 19.09 1.94 20.52
CA THR A 206 19.24 0.54 20.23
C THR A 206 18.67 -0.33 21.37
N LYS A 207 17.85 -1.33 21.01
CA LYS A 207 17.32 -2.28 21.97
C LYS A 207 17.88 -3.60 21.54
N SER A 208 18.42 -4.35 22.49
CA SER A 208 18.98 -5.64 22.19
C SER A 208 18.99 -6.62 23.32
N PHE A 209 19.40 -7.84 22.97
CA PHE A 209 19.53 -8.93 23.89
C PHE A 209 20.63 -9.89 23.44
N ASN A 210 21.14 -10.68 24.38
CA ASN A 210 22.15 -11.67 24.04
C ASN A 210 21.41 -12.98 24.04
N ARG A 211 21.52 -13.71 22.94
CA ARG A 211 20.85 -14.98 22.81
C ARG A 211 21.29 -15.96 23.89
N GLY A 212 20.33 -16.74 24.37
CA GLY A 212 20.63 -17.73 25.37
C GLY A 212 21.00 -17.22 26.76
N GLU A 213 21.20 -15.91 26.90
CA GLU A 213 21.54 -15.43 28.21
C GLU A 213 20.33 -15.74 29.09
N CYS A 214 20.50 -16.43 30.29
CA CYS A 214 19.39 -16.81 31.17
C CYS A 214 19.60 -16.45 32.63
N ARG B 1 -24.45 8.21 -16.10
CA ARG B 1 -23.52 7.71 -15.05
C ARG B 1 -22.66 6.51 -15.56
N ILE B 2 -21.36 6.73 -15.47
CA ILE B 2 -20.41 5.74 -15.89
C ILE B 2 -19.94 4.91 -14.71
N THR B 3 -19.97 3.61 -14.86
CA THR B 3 -19.44 2.79 -13.80
C THR B 3 -18.62 1.66 -14.46
N LEU B 4 -17.56 1.22 -13.79
CA LEU B 4 -16.73 0.10 -14.26
C LEU B 4 -16.52 -0.81 -13.09
N LYS B 5 -16.34 -2.10 -13.39
CA LYS B 5 -16.07 -3.10 -12.38
C LYS B 5 -15.18 -4.25 -12.91
N GLU B 6 -14.12 -4.52 -12.14
CA GLU B 6 -13.16 -5.54 -12.48
C GLU B 6 -13.57 -6.93 -11.96
N SER B 7 -13.28 -7.99 -12.72
CA SER B 7 -13.54 -9.33 -12.22
C SER B 7 -12.43 -10.27 -12.71
N GLY B 8 -12.18 -11.35 -11.99
CA GLY B 8 -11.17 -12.34 -12.35
C GLY B 8 -10.81 -13.15 -11.10
N PRO B 9 -9.78 -13.99 -11.15
CA PRO B 9 -9.39 -14.80 -10.00
C PRO B 9 -8.66 -14.01 -8.90
N PRO B 10 -9.02 -14.23 -7.62
CA PRO B 10 -8.33 -13.49 -6.57
C PRO B 10 -6.96 -14.06 -6.31
N LEU B 11 -6.80 -15.31 -6.66
CA LEU B 11 -5.54 -16.00 -6.42
C LEU B 11 -5.00 -16.61 -7.68
N VAL B 12 -3.70 -16.47 -7.91
CA VAL B 12 -3.11 -17.07 -9.06
C VAL B 12 -1.73 -17.54 -8.71
N LYS B 13 -1.32 -18.65 -9.32
CA LYS B 13 0.01 -19.21 -9.06
C LYS B 13 1.05 -18.74 -10.06
N PRO B 14 2.30 -18.63 -9.60
CA PRO B 14 3.42 -18.21 -10.41
C PRO B 14 3.45 -19.04 -11.68
N THR B 15 3.92 -18.42 -12.76
CA THR B 15 4.02 -18.89 -14.15
C THR B 15 2.66 -18.94 -14.81
N GLN B 16 1.58 -18.87 -14.03
CA GLN B 16 0.28 -18.94 -14.67
C GLN B 16 -0.11 -17.66 -15.42
N THR B 17 -1.22 -17.78 -16.15
CA THR B 17 -1.78 -16.69 -16.91
C THR B 17 -3.00 -16.10 -16.19
N LEU B 18 -3.00 -14.78 -16.08
CA LEU B 18 -4.04 -14.03 -15.42
C LEU B 18 -4.85 -13.26 -16.43
N THR B 19 -6.16 -13.48 -16.41
CA THR B 19 -7.11 -12.82 -17.29
C THR B 19 -8.07 -12.01 -16.40
N LEU B 20 -8.10 -10.71 -16.65
CA LEU B 20 -8.93 -9.78 -15.90
C LEU B 20 -9.91 -9.15 -16.86
N THR B 21 -11.16 -9.05 -16.41
CA THR B 21 -12.23 -8.47 -17.19
C THR B 21 -12.77 -7.17 -16.56
N CYS B 22 -12.96 -6.15 -17.39
CA CYS B 22 -13.52 -4.90 -16.96
C CYS B 22 -14.84 -4.83 -17.64
N SER B 23 -15.95 -4.84 -16.89
CA SER B 23 -17.32 -4.75 -17.50
C SER B 23 -17.76 -3.35 -17.13
N PHE B 24 -18.32 -2.60 -18.07
CA PHE B 24 -18.72 -1.23 -17.76
C PHE B 24 -20.12 -0.89 -18.29
N SER B 25 -20.67 0.26 -17.88
CA SER B 25 -21.98 0.72 -18.37
C SER B 25 -21.92 2.26 -18.39
N GLY B 26 -22.80 2.91 -19.15
CA GLY B 26 -22.76 4.37 -19.25
C GLY B 26 -22.01 4.90 -20.48
N PHE B 27 -21.30 4.05 -21.21
CA PHE B 27 -20.60 4.52 -22.41
C PHE B 27 -20.38 3.29 -23.30
N SER B 28 -20.00 3.51 -24.53
CA SER B 28 -19.78 2.38 -25.37
C SER B 28 -18.35 2.47 -25.89
N LEU B 29 -17.68 1.36 -26.11
CA LEU B 29 -16.34 1.45 -26.63
C LEU B 29 -16.43 1.67 -28.12
N SER B 30 -17.59 2.09 -28.60
CA SER B 30 -17.71 2.45 -29.97
C SER B 30 -17.90 3.99 -29.96
N ASP B 31 -17.96 4.61 -28.79
CA ASP B 31 -18.14 6.06 -28.79
C ASP B 31 -16.82 6.69 -29.27
N PHE B 32 -16.90 7.87 -29.88
CA PHE B 32 -15.72 8.53 -30.41
C PHE B 32 -14.59 8.78 -29.44
N GLY B 33 -13.40 8.32 -29.81
CA GLY B 33 -12.18 8.47 -29.04
C GLY B 33 -12.12 7.99 -27.61
N VAL B 34 -13.14 7.24 -27.17
CA VAL B 34 -13.10 6.77 -25.79
C VAL B 34 -11.99 5.72 -25.55
N GLY B 35 -11.45 5.68 -24.32
CA GLY B 35 -10.44 4.71 -23.95
C GLY B 35 -10.80 4.03 -22.62
N VAL B 36 -10.23 2.85 -22.42
CA VAL B 36 -10.39 2.12 -21.19
C VAL B 36 -8.93 1.66 -20.91
N GLY B 37 -8.42 1.93 -19.73
CA GLY B 37 -7.03 1.58 -19.39
C GLY B 37 -7.06 0.73 -18.12
N TRP B 38 -5.90 0.19 -17.77
CA TRP B 38 -5.71 -0.65 -16.63
C TRP B 38 -4.54 -0.06 -15.85
N ILE B 39 -4.68 0.00 -14.53
CA ILE B 39 -3.65 0.53 -13.65
C ILE B 39 -3.57 -0.44 -12.44
N ARG B 40 -2.40 -0.65 -11.86
CA ARG B 40 -2.35 -1.61 -10.74
C ARG B 40 -1.70 -0.91 -9.55
N GLN B 41 -1.86 -1.51 -8.39
CA GLN B 41 -1.30 -0.91 -7.19
C GLN B 41 -0.87 -2.00 -6.21
N PRO B 42 0.42 -2.34 -6.14
CA PRO B 42 0.86 -3.38 -5.20
C PRO B 42 0.57 -2.86 -3.76
N PRO B 43 0.29 -3.75 -2.81
CA PRO B 43 -0.01 -3.19 -1.46
C PRO B 43 1.02 -2.20 -0.91
N GLY B 44 0.53 -1.07 -0.42
CA GLY B 44 1.40 -0.05 0.11
C GLY B 44 2.20 0.73 -0.93
N LYS B 45 2.12 0.36 -2.20
CA LYS B 45 2.89 1.08 -3.22
C LYS B 45 2.08 2.14 -4.05
N ALA B 46 2.77 2.76 -5.00
CA ALA B 46 2.23 3.77 -5.90
C ALA B 46 1.43 3.14 -7.05
N LEU B 47 0.67 3.95 -7.78
CA LEU B 47 -0.08 3.45 -8.92
C LEU B 47 0.87 3.19 -10.05
N GLU B 48 0.59 2.16 -10.82
CA GLU B 48 1.44 1.84 -11.96
C GLU B 48 0.56 1.60 -13.22
N TRP B 49 0.82 2.37 -14.26
CA TRP B 49 0.06 2.30 -15.49
C TRP B 49 0.41 1.02 -16.25
N LEU B 50 -0.62 0.31 -16.77
CA LEU B 50 -0.37 -0.94 -17.50
C LEU B 50 -0.65 -0.92 -19.00
N ALA B 51 -1.80 -0.38 -19.39
CA ALA B 51 -2.18 -0.40 -20.77
C ALA B 51 -3.47 0.36 -21.02
N ILE B 52 -3.78 0.60 -22.27
CA ILE B 52 -5.06 1.26 -22.54
C ILE B 52 -5.48 0.85 -23.93
N ILE B 53 -6.78 0.85 -24.18
CA ILE B 53 -7.30 0.53 -25.50
C ILE B 53 -8.39 1.55 -25.84
N TYR B 54 -8.41 2.00 -27.09
CA TYR B 54 -9.43 2.99 -27.54
C TYR B 54 -10.47 2.36 -28.42
N SER B 55 -11.59 3.06 -28.60
CA SER B 55 -12.67 2.56 -29.43
C SER B 55 -12.26 2.33 -30.91
N ASP B 56 -11.27 3.05 -31.45
CA ASP B 56 -10.82 2.79 -32.82
C ASP B 56 -9.82 1.61 -32.82
N ASP B 57 -9.70 0.96 -31.65
CA ASP B 57 -8.88 -0.21 -31.45
C ASP B 57 -7.34 -0.06 -31.40
N ASP B 58 -6.83 1.14 -31.18
CA ASP B 58 -5.39 1.38 -31.03
C ASP B 58 -5.13 0.83 -29.61
N LYS B 59 -3.97 0.19 -29.40
CA LYS B 59 -3.62 -0.40 -28.10
C LYS B 59 -2.23 0.09 -27.71
N ARG B 60 -1.98 0.30 -26.41
CA ARG B 60 -0.66 0.73 -25.98
C ARG B 60 -0.38 0.03 -24.64
N TYR B 61 0.88 -0.31 -24.42
CA TYR B 61 1.28 -1.04 -23.24
C TYR B 61 2.47 -0.44 -22.56
N SER B 62 2.51 -0.67 -21.27
CA SER B 62 3.65 -0.31 -20.47
C SER B 62 4.86 -1.02 -21.13
N PRO B 63 5.96 -0.31 -21.39
CA PRO B 63 7.14 -0.96 -22.01
C PRO B 63 7.74 -2.06 -21.11
N SER B 64 7.75 -1.85 -19.82
CA SER B 64 8.25 -2.83 -18.88
C SER B 64 7.44 -4.15 -18.85
N LEU B 65 6.18 -4.13 -19.28
CA LEU B 65 5.36 -5.35 -19.21
C LEU B 65 4.84 -5.80 -20.59
N ASN B 66 5.24 -5.05 -21.59
CA ASN B 66 4.79 -5.29 -22.94
C ASN B 66 4.71 -6.77 -23.34
N THR B 67 5.80 -7.51 -23.14
CA THR B 67 5.79 -8.92 -23.51
C THR B 67 4.78 -9.82 -22.80
N ARG B 68 4.32 -9.41 -21.62
CA ARG B 68 3.38 -10.28 -20.88
C ARG B 68 1.90 -9.79 -20.97
N LEU B 69 1.66 -8.62 -21.57
CA LEU B 69 0.28 -8.11 -21.63
C LEU B 69 -0.39 -8.16 -22.97
N THR B 70 -1.70 -8.47 -22.93
CA THR B 70 -2.52 -8.39 -24.13
C THR B 70 -3.81 -7.67 -23.69
N ILE B 71 -4.23 -6.61 -24.37
CA ILE B 71 -5.47 -6.00 -23.98
C ILE B 71 -6.39 -6.14 -25.18
N THR B 72 -7.66 -6.37 -24.92
CA THR B 72 -8.58 -6.55 -26.05
C THR B 72 -9.95 -6.03 -25.69
N LYS B 73 -10.80 -5.74 -26.66
CA LYS B 73 -12.11 -5.29 -26.24
C LYS B 73 -13.23 -6.11 -26.82
N ASP B 74 -14.38 -6.12 -26.17
CA ASP B 74 -15.53 -6.79 -26.74
C ASP B 74 -16.65 -5.75 -26.64
N THR B 75 -16.75 -4.97 -27.70
CA THR B 75 -17.64 -3.85 -27.79
C THR B 75 -19.07 -4.16 -27.54
N SER B 76 -19.53 -5.28 -28.08
CA SER B 76 -20.93 -5.67 -27.92
C SER B 76 -21.22 -6.14 -26.51
N LYS B 77 -20.22 -6.61 -25.75
CA LYS B 77 -20.47 -7.02 -24.37
C LYS B 77 -20.09 -5.92 -23.36
N ASN B 78 -19.61 -4.77 -23.88
CA ASN B 78 -19.12 -3.69 -23.00
C ASN B 78 -18.08 -4.22 -22.03
N GLN B 79 -17.07 -4.89 -22.56
CA GLN B 79 -16.01 -5.39 -21.71
C GLN B 79 -14.66 -5.17 -22.36
N VAL B 80 -13.65 -5.06 -21.49
CA VAL B 80 -12.27 -4.91 -21.92
C VAL B 80 -11.55 -5.95 -21.11
N VAL B 81 -10.73 -6.74 -21.78
CA VAL B 81 -10.00 -7.80 -21.12
C VAL B 81 -8.50 -7.54 -21.19
N LEU B 82 -7.81 -7.80 -20.10
CA LEU B 82 -6.39 -7.67 -20.02
C LEU B 82 -5.87 -9.05 -19.58
N VAL B 83 -4.98 -9.58 -20.40
CA VAL B 83 -4.37 -10.88 -20.14
C VAL B 83 -2.90 -10.70 -19.83
N MET B 84 -2.48 -11.16 -18.65
CA MET B 84 -1.09 -11.07 -18.25
C MET B 84 -0.53 -12.50 -18.12
N THR B 85 0.54 -12.80 -18.83
CA THR B 85 1.09 -14.13 -18.82
C THR B 85 2.23 -14.22 -17.87
N ARG B 86 2.61 -15.45 -17.54
CA ARG B 86 3.77 -15.70 -16.70
C ARG B 86 3.85 -14.80 -15.45
N VAL B 87 2.80 -14.81 -14.66
CA VAL B 87 2.87 -13.97 -13.47
C VAL B 87 3.83 -14.50 -12.44
N SER B 88 4.30 -13.60 -11.60
CA SER B 88 5.18 -13.97 -10.53
C SER B 88 4.66 -13.23 -9.27
N PRO B 89 5.21 -13.53 -8.09
CA PRO B 89 4.73 -12.84 -6.88
C PRO B 89 4.68 -11.31 -6.91
N VAL B 90 5.64 -10.65 -7.57
CA VAL B 90 5.62 -9.18 -7.64
C VAL B 90 4.40 -8.62 -8.40
N ASP B 91 3.66 -9.50 -9.07
CA ASP B 91 2.46 -9.05 -9.74
C ASP B 91 1.27 -9.01 -8.75
N THR B 92 1.50 -9.30 -7.45
CA THR B 92 0.34 -9.22 -6.57
C THR B 92 0.05 -7.73 -6.40
N ALA B 93 -1.20 -7.36 -6.62
CA ALA B 93 -1.58 -5.95 -6.57
C ALA B 93 -3.08 -5.85 -6.69
N THR B 94 -3.59 -4.65 -6.44
CA THR B 94 -4.99 -4.39 -6.71
C THR B 94 -4.96 -3.82 -8.17
N TYR B 95 -5.78 -4.40 -9.03
CA TYR B 95 -5.87 -4.01 -10.46
C TYR B 95 -7.13 -3.19 -10.71
N PHE B 96 -7.01 -1.99 -11.29
CA PHE B 96 -8.16 -1.14 -11.60
C PHE B 96 -8.29 -0.91 -13.10
N CYS B 97 -9.51 -0.85 -13.63
CA CYS B 97 -9.68 -0.44 -15.02
C CYS B 97 -10.29 0.97 -14.91
N ALA B 98 -10.17 1.77 -15.94
CA ALA B 98 -10.67 3.12 -15.85
C ALA B 98 -11.04 3.68 -17.25
N HIS B 99 -11.99 4.61 -17.22
CA HIS B 99 -12.47 5.28 -18.38
C HIS B 99 -11.65 6.50 -18.67
N ARG B 100 -11.45 6.72 -19.97
CA ARG B 100 -10.77 7.91 -20.48
C ARG B 100 -11.70 8.54 -21.51
N ARG B 101 -12.04 9.79 -21.30
CA ARG B 101 -12.91 10.49 -22.22
C ARG B 101 -12.25 10.71 -23.56
N GLY B 102 -13.06 10.83 -24.61
CA GLY B 102 -12.53 11.16 -25.93
C GLY B 102 -12.73 12.69 -26.10
N PRO B 103 -12.22 13.37 -27.14
CA PRO B 103 -12.44 14.82 -27.24
C PRO B 103 -13.91 15.22 -27.30
N THR B 104 -14.21 16.39 -26.76
CA THR B 104 -15.58 16.88 -26.86
C THR B 104 -15.84 17.19 -28.35
N THR B 105 -17.05 16.92 -28.81
CA THR B 105 -17.45 17.22 -30.18
C THR B 105 -18.65 18.19 -30.21
N LEU B 106 -18.75 18.94 -31.30
CA LEU B 106 -19.86 19.87 -31.46
C LEU B 106 -20.33 19.53 -32.86
N PHE B 107 -21.59 19.07 -32.92
CA PHE B 107 -22.19 18.62 -34.19
C PHE B 107 -21.15 17.68 -34.81
N GLY B 108 -20.72 16.70 -33.99
CA GLY B 108 -19.77 15.71 -34.47
C GLY B 108 -18.50 16.29 -35.04
N VAL B 109 -18.00 17.32 -34.37
CA VAL B 109 -16.73 17.90 -34.79
C VAL B 109 -15.92 18.05 -33.51
N PRO B 110 -14.72 17.46 -33.47
CA PRO B 110 -13.86 17.54 -32.29
C PRO B 110 -13.44 19.00 -32.11
N ILE B 111 -13.71 19.54 -30.92
CA ILE B 111 -13.38 20.94 -30.61
C ILE B 111 -12.59 21.13 -29.33
N ALA B 112 -12.58 20.12 -28.46
CA ALA B 112 -11.80 20.22 -27.22
C ALA B 112 -11.11 18.92 -26.84
N ARG B 113 -9.77 18.96 -26.75
CA ARG B 113 -9.06 17.76 -26.35
C ARG B 113 -8.68 17.75 -24.85
N GLY B 114 -8.85 18.88 -24.16
CA GLY B 114 -8.54 18.92 -22.74
C GLY B 114 -9.22 17.78 -21.97
N PRO B 115 -10.47 17.40 -22.26
CA PRO B 115 -11.03 16.31 -21.45
C PRO B 115 -10.37 14.93 -21.53
N VAL B 116 -9.50 14.71 -22.51
CA VAL B 116 -8.83 13.40 -22.56
C VAL B 116 -7.70 13.34 -21.61
N ASN B 117 -7.32 14.47 -21.02
CA ASN B 117 -6.16 14.41 -20.13
C ASN B 117 -6.44 14.04 -18.66
N ALA B 118 -6.89 12.79 -18.47
CA ALA B 118 -7.17 12.21 -17.14
C ALA B 118 -7.87 10.87 -17.38
N MET B 119 -7.90 10.01 -16.37
CA MET B 119 -8.71 8.80 -16.43
C MET B 119 -9.78 9.27 -15.42
N ASP B 120 -10.98 9.59 -15.91
CA ASP B 120 -12.05 10.21 -15.09
C ASP B 120 -12.95 9.37 -14.19
N VAL B 121 -13.12 8.07 -14.52
CA VAL B 121 -13.93 7.19 -13.68
C VAL B 121 -13.21 5.87 -13.55
N TRP B 122 -13.14 5.41 -12.30
CA TRP B 122 -12.43 4.19 -11.98
C TRP B 122 -13.30 3.08 -11.42
N GLY B 123 -12.88 1.83 -11.59
CA GLY B 123 -13.63 0.74 -11.00
C GLY B 123 -13.12 0.61 -9.55
N GLN B 124 -13.85 -0.11 -8.71
CA GLN B 124 -13.44 -0.30 -7.31
C GLN B 124 -12.05 -0.99 -7.19
N GLY B 125 -11.66 -1.81 -8.17
CA GLY B 125 -10.37 -2.47 -8.08
C GLY B 125 -10.54 -3.92 -7.65
N ILE B 126 -9.71 -4.80 -8.18
CA ILE B 126 -9.80 -6.18 -7.78
C ILE B 126 -8.42 -6.62 -7.27
N THR B 127 -8.43 -7.20 -6.10
CA THR B 127 -7.19 -7.65 -5.44
C THR B 127 -6.76 -9.01 -5.95
N VAL B 128 -5.54 -9.09 -6.45
CA VAL B 128 -5.02 -10.35 -6.96
C VAL B 128 -3.71 -10.71 -6.21
N THR B 129 -3.68 -11.93 -5.71
CA THR B 129 -2.52 -12.44 -4.98
C THR B 129 -1.83 -13.53 -5.79
N ILE B 130 -0.53 -13.39 -5.98
CA ILE B 130 0.18 -14.42 -6.72
C ILE B 130 1.07 -15.20 -5.76
N SER B 131 0.70 -16.47 -5.55
CA SER B 131 1.43 -17.35 -4.65
C SER B 131 1.18 -18.81 -5.04
N SER B 132 2.20 -19.64 -4.86
CA SER B 132 2.03 -21.05 -5.19
C SER B 132 1.46 -21.77 -3.97
N THR B 133 1.27 -21.00 -2.80
CA THR B 133 0.78 -21.64 -1.59
C THR B 133 -0.62 -22.27 -1.58
N SER B 134 -0.76 -23.29 -0.87
CA SER B 134 -2.08 -23.92 -0.67
C SER B 134 -2.60 -23.33 0.65
N THR B 135 -3.90 -23.43 0.85
CA THR B 135 -4.49 -22.97 2.09
C THR B 135 -3.70 -23.56 3.28
N LYS B 136 -3.43 -22.73 4.29
CA LYS B 136 -2.68 -23.20 5.46
C LYS B 136 -2.87 -22.33 6.72
N GLY B 137 -3.11 -22.98 7.85
CA GLY B 137 -3.30 -22.26 9.10
C GLY B 137 -2.00 -21.74 9.71
N PRO B 138 -2.06 -20.64 10.48
CA PRO B 138 -0.90 -20.01 11.12
C PRO B 138 -0.38 -20.76 12.35
N SER B 139 0.90 -20.56 12.64
CA SER B 139 1.51 -21.07 13.85
C SER B 139 1.45 -19.80 14.69
N VAL B 140 1.12 -19.92 15.97
CA VAL B 140 1.07 -18.70 16.77
C VAL B 140 2.11 -18.73 17.83
N PHE B 141 2.98 -17.72 17.87
CA PHE B 141 4.02 -17.72 18.88
C PHE B 141 3.91 -16.52 19.76
N PRO B 142 4.40 -16.61 21.01
CA PRO B 142 4.33 -15.48 21.95
C PRO B 142 5.39 -14.45 21.70
N LEU B 143 5.06 -13.20 21.99
CA LEU B 143 6.01 -12.09 21.88
C LEU B 143 6.00 -11.58 23.34
N ALA B 144 7.07 -11.84 24.08
CA ALA B 144 7.12 -11.39 25.47
C ALA B 144 8.31 -10.52 25.78
N PRO B 145 8.07 -9.51 26.65
CA PRO B 145 9.05 -8.50 27.13
C PRO B 145 10.42 -9.06 27.66
N GLY B 152 4.83 6.21 30.12
CA GLY B 152 6.09 6.03 29.40
C GLY B 152 6.73 4.67 29.67
N ALA B 153 6.56 4.23 30.93
CA ALA B 153 7.04 2.93 31.48
C ALA B 153 5.97 1.87 31.16
N ALA B 154 5.72 1.80 29.85
CA ALA B 154 4.77 0.89 29.27
C ALA B 154 5.54 -0.40 28.98
N ALA B 155 4.83 -1.51 29.00
CA ALA B 155 5.43 -2.81 28.70
C ALA B 155 4.69 -3.30 27.44
N ALA B 156 5.34 -4.16 26.64
CA ALA B 156 4.68 -4.64 25.42
C ALA B 156 4.70 -6.13 25.28
N LEU B 157 3.64 -6.68 24.72
CA LEU B 157 3.68 -8.10 24.44
C LEU B 157 2.79 -8.36 23.25
N GLY B 158 2.82 -9.58 22.73
CA GLY B 158 1.99 -9.84 21.58
C GLY B 158 2.03 -11.27 21.13
N CYS B 159 1.56 -11.45 19.90
CA CYS B 159 1.52 -12.76 19.26
C CYS B 159 1.98 -12.55 17.79
N LEU B 160 2.73 -13.52 17.30
CA LEU B 160 3.31 -13.52 15.96
C LEU B 160 2.54 -14.61 15.29
N VAL B 161 1.71 -14.20 14.34
CA VAL B 161 0.85 -15.12 13.61
C VAL B 161 1.60 -15.47 12.34
N LYS B 162 2.29 -16.59 12.35
CA LYS B 162 3.16 -16.96 11.26
C LYS B 162 2.82 -18.05 10.26
N ASP B 163 3.13 -17.81 8.99
CA ASP B 163 2.96 -18.80 7.94
C ASP B 163 1.57 -19.30 7.61
N TYR B 164 0.70 -18.37 7.23
CA TYR B 164 -0.62 -18.82 6.91
C TYR B 164 -0.98 -18.32 5.51
N PHE B 165 -2.03 -18.90 4.93
CA PHE B 165 -2.52 -18.53 3.61
C PHE B 165 -3.92 -19.06 3.39
N PRO B 166 -4.79 -18.27 2.75
CA PRO B 166 -4.51 -16.90 2.26
C PRO B 166 -4.96 -15.93 3.33
N GLU B 167 -5.03 -14.64 2.99
CA GLU B 167 -5.58 -13.64 3.92
C GLU B 167 -7.08 -13.95 3.95
N PRO B 168 -7.80 -13.51 5.00
CA PRO B 168 -7.31 -12.76 6.12
C PRO B 168 -7.26 -13.60 7.36
N VAL B 169 -6.78 -13.01 8.44
CA VAL B 169 -6.82 -13.67 9.72
C VAL B 169 -7.39 -12.60 10.71
N THR B 170 -8.09 -13.03 11.77
CA THR B 170 -8.56 -12.04 12.74
C THR B 170 -7.88 -12.28 14.07
N VAL B 171 -7.53 -11.21 14.76
CA VAL B 171 -6.90 -11.32 16.05
C VAL B 171 -7.58 -10.35 17.01
N SER B 172 -7.89 -10.82 18.22
CA SER B 172 -8.43 -9.94 19.23
C SER B 172 -7.64 -10.30 20.50
N TRP B 173 -7.78 -9.48 21.55
CA TRP B 173 -7.14 -9.74 22.83
C TRP B 173 -8.24 -9.93 23.90
N ASN B 174 -8.01 -10.87 24.81
CA ASN B 174 -8.94 -11.24 25.88
C ASN B 174 -10.36 -11.30 25.38
N SER B 175 -10.56 -12.17 24.40
CA SER B 175 -11.87 -12.41 23.80
C SER B 175 -12.62 -11.15 23.39
N GLY B 176 -11.87 -10.08 23.13
CA GLY B 176 -12.51 -8.84 22.71
C GLY B 176 -12.58 -7.76 23.77
N ALA B 177 -12.20 -8.07 25.00
CA ALA B 177 -12.24 -7.10 26.09
C ALA B 177 -11.06 -6.17 26.16
N LEU B 178 -9.96 -6.58 25.52
CA LEU B 178 -8.80 -5.73 25.55
C LEU B 178 -8.71 -5.06 24.18
N THR B 179 -8.80 -3.73 24.19
CA THR B 179 -8.73 -2.93 22.97
C THR B 179 -7.75 -1.76 23.08
N SER B 180 -7.67 -1.13 24.25
CA SER B 180 -6.77 0.01 24.29
C SER B 180 -5.33 -0.45 24.25
N GLY B 181 -4.52 0.20 23.41
CA GLY B 181 -3.11 -0.16 23.30
C GLY B 181 -2.86 -1.35 22.37
N VAL B 182 -3.88 -1.82 21.68
CA VAL B 182 -3.72 -2.94 20.78
C VAL B 182 -3.35 -2.45 19.37
N HIS B 183 -2.34 -3.05 18.76
CA HIS B 183 -1.98 -2.74 17.39
C HIS B 183 -1.80 -4.05 16.64
N THR B 184 -2.66 -4.29 15.67
CA THR B 184 -2.55 -5.49 14.86
C THR B 184 -2.04 -4.96 13.49
N PHE B 185 -0.81 -5.32 13.14
CA PHE B 185 -0.23 -4.86 11.89
C PHE B 185 -0.69 -5.59 10.66
N PRO B 186 -0.59 -4.91 9.50
CA PRO B 186 -1.00 -5.58 8.25
C PRO B 186 0.05 -6.67 8.02
N ALA B 187 -0.39 -7.79 7.50
CA ALA B 187 0.45 -8.95 7.21
C ALA B 187 1.39 -8.62 6.04
N VAL B 188 2.52 -9.30 6.01
CA VAL B 188 3.48 -9.17 4.93
C VAL B 188 3.44 -10.55 4.24
N LEU B 189 3.61 -10.56 2.93
CA LEU B 189 3.61 -11.78 2.14
C LEU B 189 5.08 -12.13 2.09
N GLN B 190 5.47 -13.23 2.72
CA GLN B 190 6.87 -13.65 2.74
C GLN B 190 7.31 -14.25 1.41
N SER B 191 8.61 -14.34 1.19
CA SER B 191 9.08 -14.87 -0.06
C SER B 191 8.63 -16.31 -0.21
N SER B 192 8.29 -16.96 0.91
CA SER B 192 7.80 -18.33 0.83
C SER B 192 6.40 -18.40 0.22
N GLY B 193 5.67 -17.27 0.19
CA GLY B 193 4.30 -17.27 -0.36
C GLY B 193 3.21 -17.38 0.74
N LEU B 194 3.67 -17.29 1.97
CA LEU B 194 2.79 -17.38 3.12
C LEU B 194 2.79 -16.03 3.83
N TYR B 195 1.70 -15.70 4.47
CA TYR B 195 1.68 -14.41 5.14
C TYR B 195 2.19 -14.53 6.58
N SER B 196 2.48 -13.37 7.16
CA SER B 196 2.87 -13.35 8.55
C SER B 196 2.55 -11.99 9.10
N LEU B 197 2.05 -11.98 10.34
CA LEU B 197 1.70 -10.75 11.00
C LEU B 197 1.91 -10.78 12.52
N SER B 198 2.06 -9.61 13.07
CA SER B 198 2.21 -9.53 14.52
C SER B 198 1.03 -8.71 14.99
N SER B 199 0.65 -8.92 16.24
CA SER B 199 -0.40 -8.17 16.92
C SER B 199 0.20 -7.91 18.29
N VAL B 200 0.31 -6.66 18.71
CA VAL B 200 0.90 -6.42 20.01
C VAL B 200 -0.05 -5.58 20.86
N VAL B 201 0.28 -5.47 22.14
CA VAL B 201 -0.49 -4.63 23.02
C VAL B 201 0.42 -4.05 24.09
N THR B 202 0.25 -2.77 24.37
CA THR B 202 1.04 -2.03 25.35
C THR B 202 0.15 -1.80 26.59
N VAL B 203 0.73 -2.02 27.78
CA VAL B 203 -0.02 -1.85 29.02
C VAL B 203 0.88 -1.23 30.06
N PRO B 204 0.28 -0.64 31.14
CA PRO B 204 1.09 -0.02 32.22
C PRO B 204 1.98 -1.14 32.76
N SER B 205 3.28 -0.85 32.86
CA SER B 205 4.22 -1.88 33.33
C SER B 205 3.85 -2.60 34.61
N SER B 206 2.70 -2.26 35.15
CA SER B 206 2.20 -2.86 36.37
C SER B 206 1.15 -3.96 36.07
N SER B 207 0.34 -3.74 35.02
CA SER B 207 -0.72 -4.69 34.70
C SER B 207 -0.22 -6.11 34.54
N LEU B 208 1.04 -6.24 34.19
CA LEU B 208 1.63 -7.56 34.03
C LEU B 208 1.38 -8.49 35.22
N GLN B 211 -3.32 -8.75 36.00
CA GLN B 211 -4.04 -8.94 34.71
C GLN B 211 -3.46 -9.99 33.68
N THR B 212 -4.28 -10.80 33.01
CA THR B 212 -3.73 -11.77 32.01
C THR B 212 -4.01 -11.35 30.56
N TYR B 213 -3.13 -11.79 29.65
CA TYR B 213 -3.23 -11.43 28.23
C TYR B 213 -3.26 -12.63 27.28
N THR B 214 -4.36 -12.78 26.56
CA THR B 214 -4.44 -13.88 25.66
C THR B 214 -4.88 -13.40 24.26
N CYS B 215 -4.15 -13.76 23.20
CA CYS B 215 -4.56 -13.31 21.86
C CYS B 215 -5.44 -14.39 21.30
N ASN B 216 -6.56 -14.01 20.66
CA ASN B 216 -7.47 -15.00 20.04
C ASN B 216 -7.28 -14.81 18.55
N VAL B 217 -6.75 -15.85 17.92
CA VAL B 217 -6.42 -15.83 16.49
C VAL B 217 -7.35 -16.73 15.73
N ASN B 218 -7.83 -16.27 14.59
CA ASN B 218 -8.77 -17.11 13.82
C ASN B 218 -8.53 -16.97 12.33
N HIS B 219 -8.17 -18.06 11.67
CA HIS B 219 -7.94 -18.03 10.22
C HIS B 219 -9.09 -18.86 9.60
N LYS B 220 -10.19 -18.20 9.23
CA LYS B 220 -11.35 -18.92 8.68
C LYS B 220 -11.02 -19.88 7.57
N PRO B 221 -10.25 -19.42 6.56
CA PRO B 221 -9.88 -20.26 5.43
C PRO B 221 -9.47 -21.67 5.75
N SER B 222 -8.68 -21.86 6.81
CA SER B 222 -8.20 -23.21 7.20
C SER B 222 -8.87 -23.81 8.44
N ASN B 223 -9.89 -23.14 8.96
CA ASN B 223 -10.58 -23.59 10.17
C ASN B 223 -9.54 -23.76 11.25
N THR B 224 -8.84 -22.66 11.58
CA THR B 224 -7.81 -22.72 12.62
C THR B 224 -8.05 -21.65 13.66
N LYS B 225 -8.54 -22.02 14.84
CA LYS B 225 -8.70 -21.02 15.92
C LYS B 225 -7.66 -21.35 16.99
N VAL B 226 -7.04 -20.33 17.56
CA VAL B 226 -6.03 -20.55 18.54
C VAL B 226 -6.16 -19.44 19.59
N ASP B 227 -6.03 -19.78 20.87
CA ASP B 227 -6.02 -18.75 21.90
C ASP B 227 -4.65 -18.98 22.50
N LYS B 228 -3.84 -17.94 22.61
CA LYS B 228 -2.51 -18.07 23.18
C LYS B 228 -2.30 -17.05 24.27
N ARG B 229 -2.15 -17.53 25.48
CA ARG B 229 -1.94 -16.67 26.63
C ARG B 229 -0.45 -16.37 26.62
N VAL B 230 -0.12 -15.10 26.78
CA VAL B 230 1.24 -14.65 26.74
C VAL B 230 1.65 -14.02 28.07
N GLU B 231 2.76 -14.42 28.64
CA GLU B 231 3.14 -13.74 29.88
C GLU B 231 4.61 -13.42 29.91
N PRO B 232 5.03 -12.61 30.90
CA PRO B 232 6.43 -12.21 31.07
C PRO B 232 7.41 -13.34 31.46
N LYS B 233 7.60 -14.32 30.55
CA LYS B 233 8.50 -15.51 30.73
C LYS B 233 9.07 -15.81 32.14
N SER B 234 10.34 -16.20 32.22
CA SER B 234 11.02 -16.50 33.50
C SER B 234 10.22 -17.42 34.46
N CYS B 235 9.53 -18.49 33.94
CA CYS B 235 8.66 -19.51 34.67
C CYS B 235 7.31 -18.98 35.26
N GLU C 1 6.71 7.10 -26.87
CA GLU C 1 6.26 7.99 -27.97
C GLU C 1 5.14 8.89 -27.46
N LEU C 2 4.53 9.63 -28.38
CA LEU C 2 3.45 10.57 -28.05
C LEU C 2 2.07 10.03 -27.81
N ASP C 3 1.36 10.68 -26.88
CA ASP C 3 -0.01 10.32 -26.49
C ASP C 3 -0.83 10.44 -27.73
N LYS C 4 -1.98 9.77 -27.73
CA LYS C 4 -2.89 9.76 -28.87
C LYS C 4 -3.44 11.10 -29.29
N TRP C 5 -4.03 11.76 -28.31
CA TRP C 5 -4.65 13.04 -28.56
C TRP C 5 -3.74 14.27 -28.49
N ALA C 6 -2.43 14.02 -28.43
CA ALA C 6 -1.48 15.08 -28.51
C ALA C 6 -1.22 15.35 -30.01
N GLY C 7 0.05 15.47 -30.30
CA GLY C 7 0.51 15.81 -31.63
C GLY C 7 1.07 17.24 -31.44
#